data_9KNA
#
_entry.id   9KNA
#
_cell.length_a   47.163
_cell.length_b   71.243
_cell.length_c   76.653
_cell.angle_alpha   90.00
_cell.angle_beta   90.00
_cell.angle_gamma   90.00
#
_symmetry.space_group_name_H-M   'P 2 21 21'
#
loop_
_entity.id
_entity.type
_entity.pdbx_description
1 polymer 'Histone-lysine N-methyltransferase NSD2'
2 non-polymer ~{N}-(4-aminophenyl)-2-selanyl-benzamide
3 non-polymer 'SULFATE ION'
4 non-polymer GLYCEROL
5 non-polymer '4-(2-HYDROXYETHYL)-1-PIPERAZINE ETHANESULFONIC ACID'
6 water water
#
_entity_poly.entity_id   1
_entity_poly.type   'polypeptide(L)'
_entity_poly.pdbx_seq_one_letter_code
;LLKYNVGDLVWSKVSGYPWWPCMVSADPLLHSYTKLKGQKKSARQYHVQFFGDAPERAWIFEKSLVAFEGEGQFEKLCQE
SAKQAPTKAEKIKLLKPISGKLRAQWEMGIVQAEEAASMSVEERKAKFTFLY
;
_entity_poly.pdbx_strand_id   A,B
#
# COMPACT_ATOMS: atom_id res chain seq x y z
N LEU A 1 -6.34 -21.61 11.05
CA LEU A 1 -6.35 -20.80 12.28
C LEU A 1 -5.54 -19.54 12.06
N LEU A 2 -4.34 -19.71 11.53
CA LEU A 2 -3.66 -18.67 10.75
C LEU A 2 -4.03 -18.96 9.31
N LYS A 3 -5.01 -18.22 8.79
CA LYS A 3 -5.63 -18.63 7.53
C LYS A 3 -4.61 -18.80 6.39
N TYR A 4 -3.52 -18.03 6.40
CA TYR A 4 -2.59 -17.94 5.27
C TYR A 4 -1.15 -18.05 5.73
N ASN A 5 -0.27 -18.39 4.78
CA ASN A 5 1.15 -18.48 5.04
C ASN A 5 1.90 -17.88 3.86
N VAL A 6 3.17 -17.53 4.12
CA VAL A 6 4.03 -17.01 3.06
C VAL A 6 3.96 -17.90 1.86
N GLY A 7 3.77 -17.30 0.70
CA GLY A 7 3.62 -18.05 -0.53
C GLY A 7 2.18 -18.34 -0.91
N ASP A 8 1.25 -18.18 0.01
CA ASP A 8 -0.13 -18.46 -0.33
C ASP A 8 -0.63 -17.39 -1.29
N LEU A 9 -1.30 -17.81 -2.37
CA LEU A 9 -1.88 -16.87 -3.33
C LEU A 9 -3.26 -16.42 -2.87
N VAL A 10 -3.51 -15.11 -2.94
CA VAL A 10 -4.69 -14.53 -2.34
C VAL A 10 -5.22 -13.46 -3.28
N TRP A 11 -6.52 -13.20 -3.18
CA TRP A 11 -7.11 -11.98 -3.72
C TRP A 11 -7.16 -10.89 -2.63
N SER A 12 -6.80 -9.67 -3.01
CA SER A 12 -6.87 -8.51 -2.12
C SER A 12 -7.98 -7.58 -2.55
N LYS A 13 -8.80 -7.17 -1.60
CA LYS A 13 -9.77 -6.09 -1.80
C LYS A 13 -9.14 -4.80 -1.29
N VAL A 14 -8.77 -3.91 -2.21
CA VAL A 14 -8.22 -2.61 -1.87
C VAL A 14 -9.22 -1.55 -2.32
N SER A 15 -9.43 -0.54 -1.47
CA SER A 15 -10.38 0.52 -1.74
C SER A 15 -10.03 1.31 -3.00
N GLY A 16 -11.04 1.49 -3.86
CA GLY A 16 -10.84 2.09 -5.16
C GLY A 16 -10.44 1.14 -6.26
N TYR A 17 -10.31 -0.15 -5.95
CA TYR A 17 -9.78 -1.14 -6.86
C TYR A 17 -10.73 -2.33 -6.98
N PRO A 18 -10.70 -3.03 -8.10
CA PRO A 18 -11.28 -4.38 -8.14
C PRO A 18 -10.40 -5.31 -7.32
N TRP A 19 -10.93 -6.51 -7.04
CA TRP A 19 -10.14 -7.55 -6.39
C TRP A 19 -8.89 -7.84 -7.20
N TRP A 20 -7.74 -7.91 -6.50
CA TRP A 20 -6.43 -7.97 -7.14
C TRP A 20 -5.68 -9.23 -6.75
N PRO A 21 -5.18 -9.99 -7.70
CA PRO A 21 -4.46 -11.23 -7.37
C PRO A 21 -3.09 -10.98 -6.73
N CYS A 22 -2.80 -11.73 -5.66
CA CYS A 22 -1.65 -11.45 -4.82
C CYS A 22 -0.96 -12.72 -4.33
N MET A 23 0.21 -12.53 -3.71
CA MET A 23 0.96 -13.55 -3.00
C MET A 23 1.34 -13.03 -1.62
N VAL A 24 1.15 -13.85 -0.60
CA VAL A 24 1.64 -13.48 0.73
C VAL A 24 3.16 -13.60 0.77
N SER A 25 3.81 -12.55 1.23
CA SER A 25 5.26 -12.54 1.40
C SER A 25 5.60 -11.86 2.71
N ALA A 26 6.87 -11.96 3.10
CA ALA A 26 7.36 -11.25 4.26
C ALA A 26 7.79 -9.86 3.88
N ASP A 27 7.55 -8.92 4.76
CA ASP A 27 8.01 -7.57 4.52
C ASP A 27 9.53 -7.58 4.36
N PRO A 28 10.07 -7.05 3.27
CA PRO A 28 11.54 -6.96 3.17
C PRO A 28 12.18 -6.20 4.32
N LEU A 29 11.48 -5.22 4.88
CA LEU A 29 12.03 -4.34 5.90
C LEU A 29 11.69 -4.76 7.30
N LEU A 30 10.49 -5.29 7.53
CA LEU A 30 10.02 -5.72 8.85
C LEU A 30 10.29 -7.18 9.12
N HIS A 31 10.25 -8.02 8.07
CA HIS A 31 10.56 -9.44 8.06
C HIS A 31 9.39 -10.28 8.56
N SER A 32 8.30 -9.67 8.99
CA SER A 32 7.11 -10.45 9.25
C SER A 32 6.23 -10.50 8.02
N TYR A 33 5.18 -11.32 8.10
CA TYR A 33 4.24 -11.45 7.01
C TYR A 33 2.81 -11.39 7.51
N THR A 34 2.62 -11.10 8.80
CA THR A 34 1.32 -11.00 9.44
C THR A 34 1.53 -10.33 10.78
N LYS A 35 0.55 -9.54 11.19
CA LYS A 35 0.69 -8.75 12.41
C LYS A 35 -0.71 -8.36 12.88
N LEU A 36 -0.76 -7.72 14.06
CA LEU A 36 -1.98 -7.27 14.70
C LEU A 36 -1.93 -5.74 14.75
N LYS A 37 -2.88 -5.09 14.08
CA LYS A 37 -2.83 -3.64 14.08
C LYS A 37 -3.36 -3.08 15.40
N LYS A 41 -6.33 -4.13 18.85
CA LYS A 41 -5.12 -4.81 18.38
C LYS A 41 -5.43 -6.29 18.19
N SER A 42 -6.38 -6.61 17.31
CA SER A 42 -6.77 -8.01 17.14
C SER A 42 -7.63 -8.33 15.92
N ALA A 43 -7.68 -7.44 14.93
CA ALA A 43 -8.02 -7.82 13.57
C ALA A 43 -6.73 -7.71 12.75
N ARG A 44 -6.33 -8.81 12.11
CA ARG A 44 -4.93 -9.06 11.75
C ARG A 44 -4.63 -8.85 10.28
N GLN A 45 -3.43 -8.36 10.02
CA GLN A 45 -2.95 -8.05 8.70
C GLN A 45 -2.05 -9.16 8.17
N TYR A 46 -2.02 -9.28 6.86
CA TYR A 46 -1.01 -10.03 6.14
C TYR A 46 -0.38 -9.09 5.13
N HIS A 47 0.91 -9.23 4.93
CA HIS A 47 1.65 -8.49 3.93
C HIS A 47 1.61 -9.25 2.61
N VAL A 48 1.20 -8.60 1.53
CA VAL A 48 1.15 -9.28 0.25
C VAL A 48 1.96 -8.50 -0.78
N GLN A 49 2.30 -9.21 -1.85
CA GLN A 49 2.76 -8.62 -3.10
C GLN A 49 1.61 -8.61 -4.09
N PHE A 50 1.52 -7.55 -4.88
CA PHE A 50 0.53 -7.48 -5.94
C PHE A 50 1.14 -7.99 -7.24
N PHE A 51 0.43 -8.90 -7.91
CA PHE A 51 0.89 -9.38 -9.20
C PHE A 51 0.61 -8.33 -10.28
N GLY A 52 1.33 -8.44 -11.38
CA GLY A 52 1.41 -7.41 -12.38
C GLY A 52 2.83 -6.90 -12.55
N ASP A 53 3.04 -6.16 -13.62
CA ASP A 53 4.40 -5.68 -13.85
C ASP A 53 4.78 -4.54 -12.92
N ALA A 54 3.84 -4.03 -12.12
CA ALA A 54 4.16 -3.11 -11.02
C ALA A 54 4.54 -3.89 -9.77
N PRO A 55 5.75 -3.73 -9.24
CA PRO A 55 6.17 -4.54 -8.07
C PRO A 55 5.64 -4.02 -6.75
N GLU A 56 4.31 -3.82 -6.65
CA GLU A 56 3.74 -3.18 -5.47
C GLU A 56 3.51 -4.20 -4.35
N ARG A 57 3.55 -3.71 -3.11
CA ARG A 57 3.32 -4.53 -1.93
C ARG A 57 2.50 -3.73 -0.94
N ALA A 58 1.91 -4.42 0.04
CA ALA A 58 1.03 -3.77 1.02
C ALA A 58 0.84 -4.67 2.25
N TRP A 59 0.27 -4.09 3.31
CA TRP A 59 -0.31 -4.84 4.42
C TRP A 59 -1.82 -4.72 4.31
N ILE A 60 -2.51 -5.86 4.30
CA ILE A 60 -3.93 -5.94 4.00
C ILE A 60 -4.61 -6.71 5.12
N PHE A 61 -5.83 -6.33 5.45
CA PHE A 61 -6.55 -6.99 6.52
C PHE A 61 -6.99 -8.39 6.11
N GLU A 62 -7.00 -9.32 7.08
CA GLU A 62 -7.62 -10.62 6.87
C GLU A 62 -9.00 -10.48 6.24
N LYS A 63 -9.78 -9.51 6.70
CA LYS A 63 -11.14 -9.38 6.22
C LYS A 63 -11.18 -9.10 4.73
N SER A 64 -10.08 -8.63 4.14
CA SER A 64 -10.09 -8.20 2.75
C SER A 64 -9.26 -9.11 1.84
N LEU A 65 -8.84 -10.28 2.33
CA LEU A 65 -8.19 -11.33 1.56
C LEU A 65 -9.13 -12.50 1.36
N VAL A 66 -8.97 -13.19 0.24
CA VAL A 66 -9.70 -14.41 -0.09
C VAL A 66 -8.77 -15.34 -0.83
N ALA A 67 -8.64 -16.59 -0.36
CA ALA A 67 -7.71 -17.51 -1.01
C ALA A 67 -8.05 -17.67 -2.49
N PHE A 68 -7.00 -17.72 -3.31
CA PHE A 68 -7.10 -17.72 -4.77
C PHE A 68 -7.37 -19.11 -5.33
N GLU A 69 -8.42 -19.23 -6.18
CA GLU A 69 -8.81 -20.49 -6.79
C GLU A 69 -8.72 -20.49 -8.31
N GLY A 70 -8.62 -19.34 -8.93
CA GLY A 70 -8.65 -19.18 -10.38
C GLY A 70 -9.40 -17.90 -10.73
N GLU A 71 -9.17 -17.41 -11.96
CA GLU A 71 -9.91 -16.27 -12.47
C GLU A 71 -11.42 -16.43 -12.31
N GLY A 72 -11.94 -17.67 -12.42
CA GLY A 72 -13.37 -17.91 -12.28
C GLY A 72 -13.97 -17.46 -10.96
N GLN A 73 -13.15 -17.36 -9.90
CA GLN A 73 -13.65 -16.83 -8.65
C GLN A 73 -14.13 -15.40 -8.81
N PHE A 74 -13.50 -14.65 -9.72
CA PHE A 74 -13.56 -13.19 -9.69
C PHE A 74 -15.00 -12.69 -9.62
N GLU A 75 -15.80 -12.96 -10.66
CA GLU A 75 -17.19 -12.50 -10.66
C GLU A 75 -17.88 -12.81 -9.34
N LYS A 76 -17.66 -14.00 -8.78
CA LYS A 76 -18.30 -14.35 -7.52
C LYS A 76 -17.82 -13.43 -6.40
N LEU A 77 -16.52 -13.14 -6.36
CA LEU A 77 -15.95 -12.29 -5.33
C LEU A 77 -16.58 -10.90 -5.30
N CYS A 78 -16.81 -10.33 -6.49
CA CYS A 78 -17.36 -8.98 -6.54
C CYS A 78 -18.80 -8.92 -6.03
N GLN A 79 -19.56 -10.00 -6.22
CA GLN A 79 -20.93 -10.03 -5.70
C GLN A 79 -20.96 -9.98 -4.19
N GLU A 80 -20.11 -10.76 -3.51
CA GLU A 80 -20.10 -10.69 -2.05
C GLU A 80 -19.64 -9.33 -1.57
N SER A 81 -18.67 -8.73 -2.25
CA SER A 81 -18.34 -7.35 -1.94
C SER A 81 -19.59 -6.48 -2.01
N ALA A 82 -20.44 -6.72 -3.01
CA ALA A 82 -21.72 -6.01 -3.11
C ALA A 82 -22.77 -6.57 -2.15
N LYS A 83 -22.81 -7.90 -1.97
CA LYS A 83 -23.74 -8.48 -1.01
C LYS A 83 -23.59 -7.86 0.37
N GLN A 84 -22.47 -7.18 0.65
CA GLN A 84 -22.14 -6.67 1.97
C GLN A 84 -22.07 -5.16 2.00
N ALA A 85 -22.61 -4.50 1.00
CA ALA A 85 -22.52 -3.06 1.15
C ALA A 85 -23.76 -2.52 1.83
N PRO A 86 -23.59 -1.46 2.64
CA PRO A 86 -24.73 -0.86 3.37
C PRO A 86 -25.89 -0.44 2.47
N THR A 87 -25.79 0.78 1.91
CA THR A 87 -26.83 1.37 1.09
C THR A 87 -26.81 0.76 -0.31
N LYS A 88 -27.63 1.28 -1.21
CA LYS A 88 -27.45 1.02 -2.62
C LYS A 88 -26.59 2.09 -3.29
N ALA A 89 -25.99 2.98 -2.51
CA ALA A 89 -24.99 3.91 -3.01
C ALA A 89 -23.57 3.37 -2.86
N GLU A 90 -23.38 2.34 -2.02
CA GLU A 90 -22.11 1.62 -1.95
C GLU A 90 -22.16 0.32 -2.74
N LYS A 91 -23.33 -0.32 -2.79
CA LYS A 91 -23.48 -1.55 -3.57
C LYS A 91 -23.50 -1.28 -5.06
N ILE A 92 -23.91 -0.08 -5.47
CA ILE A 92 -23.86 0.29 -6.86
C ILE A 92 -22.50 0.87 -7.25
N LYS A 93 -21.74 1.36 -6.28
CA LYS A 93 -20.46 1.99 -6.54
C LYS A 93 -19.44 1.03 -7.14
N LEU A 94 -19.75 -0.26 -7.20
CA LEU A 94 -18.82 -1.23 -7.79
C LEU A 94 -19.00 -1.41 -9.29
N LEU A 95 -20.16 -1.04 -9.85
CA LEU A 95 -20.40 -1.12 -11.30
C LEU A 95 -19.53 -0.16 -12.09
N LYS A 96 -18.23 -0.41 -12.14
CA LYS A 96 -17.34 0.39 -12.94
C LYS A 96 -16.61 -0.54 -13.91
N PRO A 97 -16.45 -0.14 -15.17
CA PRO A 97 -15.67 -0.97 -16.09
C PRO A 97 -14.17 -0.90 -15.80
N ILE A 98 -13.53 -2.07 -15.78
CA ILE A 98 -12.07 -2.17 -15.70
C ILE A 98 -11.52 -1.95 -17.12
N SER A 99 -10.87 -0.80 -17.32
CA SER A 99 -10.41 -0.38 -18.64
C SER A 99 -9.02 0.21 -18.51
N GLY A 100 -8.47 0.70 -19.63
CA GLY A 100 -7.24 1.47 -19.59
C GLY A 100 -6.03 0.69 -19.09
N LYS A 101 -5.11 1.42 -18.45
CA LYS A 101 -3.93 0.79 -17.85
C LYS A 101 -4.31 -0.13 -16.69
N LEU A 102 -5.42 0.16 -16.00
CA LEU A 102 -5.81 -0.65 -14.85
C LEU A 102 -6.15 -2.08 -15.27
N ARG A 103 -6.94 -2.24 -16.33
CA ARG A 103 -7.23 -3.58 -16.84
C ARG A 103 -5.95 -4.28 -17.27
N ALA A 104 -5.08 -3.56 -17.99
CA ALA A 104 -3.86 -4.15 -18.53
C ALA A 104 -2.98 -4.72 -17.42
N GLN A 105 -2.77 -3.93 -16.36
CA GLN A 105 -2.10 -4.43 -15.15
C GLN A 105 -2.86 -5.59 -14.50
N TRP A 106 -4.16 -5.45 -14.37
CA TRP A 106 -4.97 -6.49 -13.76
C TRP A 106 -4.79 -7.81 -14.52
N GLU A 107 -4.96 -7.77 -15.85
CA GLU A 107 -4.78 -8.97 -16.66
C GLU A 107 -3.40 -9.57 -16.45
N MET A 108 -2.37 -8.74 -16.58
CA MET A 108 -1.02 -9.17 -16.23
C MET A 108 -1.01 -9.90 -14.89
N GLY A 109 -1.63 -9.30 -13.88
CA GLY A 109 -1.66 -9.92 -12.57
C GLY A 109 -2.35 -11.26 -12.56
N ILE A 110 -3.48 -11.37 -13.26
CA ILE A 110 -4.26 -12.61 -13.23
C ILE A 110 -3.49 -13.72 -13.94
N VAL A 111 -2.94 -13.40 -15.11
CA VAL A 111 -2.12 -14.36 -15.84
C VAL A 111 -0.97 -14.84 -14.97
N GLN A 112 -0.32 -13.93 -14.25
CA GLN A 112 0.81 -14.29 -13.40
C GLN A 112 0.36 -15.16 -12.23
N ALA A 113 -0.81 -14.89 -11.69
CA ALA A 113 -1.27 -15.67 -10.56
C ALA A 113 -1.53 -17.13 -10.96
N GLU A 114 -2.10 -17.36 -12.15
CA GLU A 114 -2.32 -18.74 -12.57
C GLU A 114 -0.97 -19.38 -12.87
N GLU A 115 -0.07 -18.62 -13.47
CA GLU A 115 1.30 -19.07 -13.63
C GLU A 115 1.89 -19.49 -12.28
N ALA A 116 1.62 -18.72 -11.24
CA ALA A 116 2.10 -19.09 -9.91
C ALA A 116 1.27 -20.20 -9.28
N ALA A 117 0.00 -20.33 -9.65
CA ALA A 117 -0.86 -21.32 -9.00
C ALA A 117 -0.45 -22.74 -9.34
N SER A 118 0.01 -22.97 -10.58
CA SER A 118 0.43 -24.31 -10.96
C SER A 118 1.79 -24.70 -10.37
N MET A 119 2.39 -23.88 -9.52
CA MET A 119 3.70 -24.16 -8.98
C MET A 119 3.61 -24.65 -7.55
N SER A 120 4.65 -25.36 -7.13
CA SER A 120 4.85 -25.59 -5.71
C SER A 120 4.94 -24.25 -5.00
N VAL A 121 4.64 -24.27 -3.69
CA VAL A 121 4.79 -23.05 -2.91
C VAL A 121 6.25 -22.66 -2.82
N GLU A 122 7.12 -23.62 -2.48
CA GLU A 122 8.54 -23.28 -2.38
C GLU A 122 9.12 -22.85 -3.73
N GLU A 123 8.58 -23.39 -4.84
CA GLU A 123 8.88 -22.86 -6.17
C GLU A 123 8.50 -21.39 -6.35
N ARG A 124 7.20 -21.12 -6.42
CA ARG A 124 6.72 -19.77 -6.68
C ARG A 124 7.26 -18.77 -5.65
N LYS A 125 7.58 -19.23 -4.44
CA LYS A 125 8.31 -18.37 -3.49
C LYS A 125 9.63 -17.89 -4.11
N ALA A 126 10.45 -18.80 -4.62
CA ALA A 126 11.76 -18.35 -5.10
C ALA A 126 11.69 -17.70 -6.47
N LYS A 127 10.59 -17.85 -7.20
CA LYS A 127 10.53 -17.23 -8.51
C LYS A 127 9.93 -15.83 -8.48
N PHE A 128 8.93 -15.56 -7.63
CA PHE A 128 8.22 -14.28 -7.65
C PHE A 128 8.54 -13.34 -6.49
N THR A 129 9.13 -13.83 -5.39
CA THR A 129 9.36 -12.96 -4.24
C THR A 129 10.35 -11.85 -4.58
N PHE A 130 9.96 -10.60 -4.36
CA PHE A 130 10.84 -9.50 -4.72
C PHE A 130 12.15 -9.62 -3.96
N LEU A 131 13.24 -9.34 -4.64
CA LEU A 131 14.54 -9.31 -4.02
C LEU A 131 14.88 -7.85 -3.74
N TYR A 132 15.04 -7.51 -2.45
CA TYR A 132 15.27 -6.12 -2.07
C TYR A 132 16.72 -5.75 -2.28
N LEU B 1 -10.04 23.31 1.64
CA LEU B 1 -11.02 22.22 1.65
C LEU B 1 -10.36 20.87 1.38
N LEU B 2 -9.37 20.88 0.51
CA LEU B 2 -8.52 19.73 0.28
C LEU B 2 -7.17 20.04 0.90
N LYS B 3 -6.78 19.25 1.89
CA LYS B 3 -5.66 19.63 2.75
C LYS B 3 -4.30 19.49 2.08
N TYR B 4 -4.19 18.79 0.94
CA TYR B 4 -2.91 18.60 0.26
C TYR B 4 -3.13 18.54 -1.25
N ASN B 5 -2.02 18.58 -2.00
CA ASN B 5 -2.08 18.46 -3.46
C ASN B 5 -0.85 17.73 -4.00
N VAL B 6 -0.98 17.26 -5.24
CA VAL B 6 0.11 16.62 -5.96
C VAL B 6 1.37 17.46 -5.84
N GLY B 7 2.41 16.89 -5.25
CA GLY B 7 3.67 17.59 -5.05
C GLY B 7 3.95 18.00 -3.62
N ASP B 8 3.08 17.68 -2.67
CA ASP B 8 3.28 18.07 -1.28
C ASP B 8 4.05 16.98 -0.56
N LEU B 9 5.11 17.38 0.14
CA LEU B 9 5.83 16.48 1.01
C LEU B 9 5.08 16.33 2.32
N VAL B 10 4.85 15.09 2.73
CA VAL B 10 4.15 14.77 3.96
C VAL B 10 4.87 13.64 4.68
N TRP B 11 4.70 13.59 6.00
CA TRP B 11 4.98 12.38 6.74
C TRP B 11 3.73 11.51 6.76
N SER B 12 3.93 10.20 6.67
CA SER B 12 2.84 9.25 6.78
C SER B 12 3.12 8.29 7.91
N LYS B 13 2.07 7.92 8.62
CA LYS B 13 2.16 6.93 9.69
C LYS B 13 1.51 5.65 9.22
N VAL B 14 2.32 4.66 8.91
CA VAL B 14 1.86 3.33 8.56
C VAL B 14 2.15 2.46 9.77
N SER B 15 1.17 1.67 10.20
CA SER B 15 1.32 0.88 11.41
C SER B 15 2.47 -0.11 11.24
N GLY B 16 3.31 -0.20 12.25
CA GLY B 16 4.45 -1.08 12.22
C GLY B 16 5.69 -0.47 11.60
N TYR B 17 5.63 0.80 11.25
CA TYR B 17 6.67 1.58 10.61
C TYR B 17 6.90 2.85 11.41
N PRO B 18 8.10 3.40 11.35
CA PRO B 18 8.29 4.77 11.83
C PRO B 18 7.81 5.73 10.76
N TRP B 19 7.49 6.96 11.19
CA TRP B 19 6.98 7.97 10.28
C TRP B 19 7.89 8.10 9.07
N TRP B 20 7.27 8.07 7.89
CA TRP B 20 8.00 8.00 6.64
C TRP B 20 7.84 9.28 5.84
N PRO B 21 8.90 9.79 5.22
CA PRO B 21 8.74 10.95 4.33
C PRO B 21 8.21 10.52 2.96
N CYS B 22 7.22 11.26 2.45
CA CYS B 22 6.48 10.93 1.23
C CYS B 22 6.19 12.18 0.41
N MET B 23 5.73 11.95 -0.83
CA MET B 23 5.13 12.98 -1.69
C MET B 23 3.70 12.60 -2.06
N VAL B 24 2.78 13.55 -1.97
CA VAL B 24 1.44 13.30 -2.48
C VAL B 24 1.52 13.19 -3.99
N SER B 25 0.83 12.22 -4.57
CA SER B 25 0.95 12.01 -6.00
C SER B 25 -0.36 11.47 -6.57
N ALA B 26 -0.46 11.49 -7.89
CA ALA B 26 -1.60 10.86 -8.52
C ALA B 26 -1.35 9.35 -8.63
N ASP B 27 -2.30 8.56 -8.17
CA ASP B 27 -2.36 7.14 -8.46
C ASP B 27 -2.31 6.92 -9.98
N PRO B 28 -1.26 6.25 -10.50
CA PRO B 28 -1.16 6.09 -11.96
C PRO B 28 -2.32 5.31 -12.57
N LEU B 29 -2.94 4.43 -11.81
CA LEU B 29 -3.96 3.55 -12.33
C LEU B 29 -5.35 4.15 -12.16
N LEU B 30 -5.57 4.82 -11.02
CA LEU B 30 -6.86 5.43 -10.69
C LEU B 30 -6.96 6.87 -11.18
N HIS B 31 -5.83 7.51 -11.45
CA HIS B 31 -5.77 8.87 -11.95
C HIS B 31 -6.38 9.85 -10.96
N SER B 32 -6.23 9.57 -9.68
CA SER B 32 -6.64 10.48 -8.63
C SER B 32 -5.57 10.49 -7.56
N TYR B 33 -5.61 11.51 -6.71
CA TYR B 33 -4.67 11.65 -5.62
C TYR B 33 -5.37 11.74 -4.27
N THR B 34 -6.71 11.79 -4.24
CA THR B 34 -7.47 11.86 -3.01
C THR B 34 -8.84 11.25 -3.27
N LYS B 35 -9.41 10.61 -2.25
CA LYS B 35 -10.69 9.96 -2.38
C LYS B 35 -11.24 9.68 -0.98
N LEU B 36 -12.53 9.29 -0.94
CA LEU B 36 -13.24 8.93 0.29
C LEU B 36 -13.40 7.42 0.36
N LYS B 37 -12.71 6.80 1.32
CA LYS B 37 -12.77 5.35 1.53
C LYS B 37 -14.20 4.87 1.73
N LYS B 41 -18.53 6.23 3.72
CA LYS B 41 -17.57 7.00 2.93
C LYS B 41 -17.42 8.44 3.45
N SER B 42 -16.57 8.60 4.47
CA SER B 42 -16.35 9.90 5.11
C SER B 42 -15.03 9.92 5.87
N ALA B 43 -14.09 9.06 5.44
CA ALA B 43 -12.69 9.07 5.88
C ALA B 43 -11.85 9.29 4.63
N ARG B 44 -11.28 10.49 4.50
CA ARG B 44 -10.59 10.93 3.28
C ARG B 44 -9.15 10.42 3.23
N GLN B 45 -8.74 9.93 2.06
CA GLN B 45 -7.39 9.45 1.85
C GLN B 45 -6.70 10.27 0.77
N TYR B 46 -5.37 10.27 0.83
CA TYR B 46 -4.51 10.81 -0.23
C TYR B 46 -3.57 9.71 -0.69
N HIS B 47 -3.03 9.86 -1.89
CA HIS B 47 -2.13 8.86 -2.46
C HIS B 47 -0.72 9.40 -2.40
N VAL B 48 0.16 8.72 -1.68
CA VAL B 48 1.53 9.18 -1.53
C VAL B 48 2.46 8.21 -2.24
N GLN B 49 3.70 8.62 -2.44
CA GLN B 49 4.78 7.69 -2.73
C GLN B 49 5.85 7.86 -1.67
N PHE B 50 6.31 6.74 -1.13
CA PHE B 50 7.27 6.74 -0.04
C PHE B 50 8.67 6.96 -0.60
N PHE B 51 9.32 8.04 -0.18
CA PHE B 51 10.70 8.32 -0.59
C PHE B 51 11.66 7.21 -0.13
N GLY B 52 12.82 7.17 -0.78
CA GLY B 52 13.70 6.02 -0.74
C GLY B 52 13.67 5.28 -2.06
N ASP B 53 14.65 4.38 -2.22
CA ASP B 53 14.88 3.80 -3.56
C ASP B 53 13.90 2.69 -3.93
N ALA B 54 13.29 2.00 -2.98
CA ALA B 54 12.15 1.16 -3.31
C ALA B 54 10.94 2.04 -3.57
N PRO B 55 10.37 2.01 -4.79
CA PRO B 55 9.26 2.91 -5.12
C PRO B 55 7.92 2.36 -4.63
N GLU B 56 7.67 2.55 -3.34
CA GLU B 56 6.37 2.20 -2.79
C GLU B 56 5.43 3.41 -2.76
N ARG B 57 4.16 3.12 -2.93
CA ARG B 57 3.12 4.11 -3.04
C ARG B 57 1.91 3.53 -2.33
N ALA B 58 1.14 4.39 -1.66
CA ALA B 58 -0.02 3.90 -0.96
C ALA B 58 -1.07 4.99 -0.85
N TRP B 59 -2.31 4.54 -0.72
CA TRP B 59 -3.35 5.38 -0.18
C TRP B 59 -3.23 5.37 1.32
N ILE B 60 -3.17 6.56 1.90
CA ILE B 60 -3.00 6.77 3.33
C ILE B 60 -4.11 7.70 3.78
N PHE B 61 -4.54 7.53 5.04
CA PHE B 61 -5.62 8.33 5.57
C PHE B 61 -5.14 9.75 5.89
N GLU B 62 -6.06 10.72 5.80
CA GLU B 62 -5.72 12.10 6.12
C GLU B 62 -5.36 12.28 7.59
N LYS B 63 -5.98 11.49 8.47
CA LYS B 63 -5.64 11.48 9.89
C LYS B 63 -4.20 11.06 10.14
N SER B 64 -3.58 10.34 9.20
CA SER B 64 -2.26 9.77 9.39
C SER B 64 -1.18 10.51 8.63
N LEU B 65 -1.48 11.71 8.12
CA LEU B 65 -0.52 12.51 7.39
C LEU B 65 -0.28 13.82 8.12
N VAL B 66 0.98 14.23 8.14
CA VAL B 66 1.43 15.52 8.60
C VAL B 66 2.22 16.13 7.46
N ALA B 67 2.21 17.45 7.35
CA ALA B 67 3.05 18.12 6.36
C ALA B 67 4.51 18.14 6.82
N PHE B 68 5.42 18.07 5.84
CA PHE B 68 6.85 17.82 6.07
C PHE B 68 7.63 19.12 6.05
N GLU B 69 8.12 19.54 7.21
CA GLU B 69 9.00 20.70 7.28
C GLU B 69 10.49 20.33 7.29
N GLY B 70 10.83 19.14 7.77
CA GLY B 70 12.20 18.69 7.78
C GLY B 70 12.39 17.57 8.78
N GLU B 71 13.57 16.94 8.70
CA GLU B 71 13.91 15.81 9.56
C GLU B 71 13.67 16.09 11.04
N GLY B 72 13.80 17.35 11.45
CA GLY B 72 13.83 17.67 12.87
C GLY B 72 12.57 17.29 13.61
N GLN B 73 11.43 17.29 12.91
CA GLN B 73 10.15 17.01 13.54
C GLN B 73 9.98 15.56 13.91
N PHE B 74 10.89 14.71 13.44
CA PHE B 74 10.73 13.26 13.61
C PHE B 74 10.46 12.92 15.06
N GLU B 75 11.41 13.25 15.95
CA GLU B 75 11.28 13.08 17.39
C GLU B 75 9.89 13.52 17.86
N LYS B 76 9.61 14.83 17.78
CA LYS B 76 8.32 15.41 18.12
C LYS B 76 7.14 14.59 17.60
N LEU B 77 7.10 14.34 16.29
CA LEU B 77 6.06 13.53 15.65
C LEU B 77 5.87 12.18 16.35
N CYS B 78 6.97 11.46 16.58
CA CYS B 78 6.91 10.18 17.25
C CYS B 78 6.38 10.30 18.67
N GLN B 79 6.91 11.27 19.43
CA GLN B 79 6.44 11.44 20.79
C GLN B 79 4.93 11.68 20.82
N GLU B 80 4.39 12.51 19.93
CA GLU B 80 2.94 12.68 19.97
C GLU B 80 2.18 11.49 19.42
N SER B 81 2.83 10.66 18.61
CA SER B 81 2.19 9.41 18.23
C SER B 81 2.16 8.46 19.43
N ALA B 82 3.31 8.29 20.10
CA ALA B 82 3.37 7.40 21.26
C ALA B 82 2.48 7.85 22.40
N LYS B 83 2.22 9.17 22.51
CA LYS B 83 1.25 9.70 23.49
C LYS B 83 -0.20 9.53 23.04
N GLN B 84 -0.45 8.86 21.91
CA GLN B 84 -1.80 8.75 21.37
C GLN B 84 -2.27 7.31 21.26
N ALA B 85 -1.60 6.36 21.90
CA ALA B 85 -2.06 4.97 21.91
C ALA B 85 -3.09 4.73 23.02
N LYS B 91 2.06 2.14 22.34
CA LYS B 91 2.51 3.25 23.18
C LYS B 91 4.00 3.06 23.51
N ILE B 92 4.32 1.92 24.13
CA ILE B 92 5.70 1.48 24.23
C ILE B 92 6.14 0.76 22.97
N LYS B 93 5.24 0.61 21.99
CA LYS B 93 5.53 -0.18 20.79
C LYS B 93 6.44 0.56 19.83
N LEU B 94 6.44 1.89 19.86
CA LEU B 94 7.33 2.67 19.01
C LEU B 94 8.69 2.89 19.67
N LEU B 95 8.97 2.23 20.79
CA LEU B 95 10.30 2.32 21.40
C LEU B 95 11.17 1.15 20.95
N LYS B 96 11.53 1.17 19.67
CA LYS B 96 12.39 0.22 18.98
C LYS B 96 13.46 0.98 18.22
N PRO B 97 14.66 0.40 18.08
CA PRO B 97 15.69 1.06 17.29
C PRO B 97 15.46 0.87 15.79
N ILE B 98 15.41 1.98 15.07
CA ILE B 98 15.39 1.97 13.61
C ILE B 98 16.76 1.58 13.10
N SER B 99 16.88 0.31 12.68
CA SER B 99 18.18 -0.28 12.41
C SER B 99 18.15 -0.98 11.07
N GLY B 100 19.36 -1.25 10.54
CA GLY B 100 19.48 -2.18 9.43
C GLY B 100 19.03 -1.63 8.09
N LYS B 101 18.28 -2.46 7.36
CA LYS B 101 17.81 -2.11 6.01
C LYS B 101 16.66 -1.12 6.07
N LEU B 102 15.87 -1.14 7.15
CA LEU B 102 14.84 -0.12 7.37
C LEU B 102 15.45 1.27 7.63
N ARG B 103 16.41 1.36 8.54
CA ARG B 103 17.10 2.63 8.73
C ARG B 103 17.74 3.11 7.44
N ALA B 104 18.29 2.18 6.64
CA ALA B 104 18.91 2.57 5.38
C ALA B 104 17.90 3.18 4.41
N GLN B 105 16.79 2.48 4.18
CA GLN B 105 15.66 3.03 3.43
C GLN B 105 15.16 4.34 4.03
N TRP B 106 14.98 4.39 5.34
CA TRP B 106 14.41 5.59 5.93
C TRP B 106 15.33 6.78 5.69
N GLU B 107 16.60 6.63 6.07
CA GLU B 107 17.59 7.69 5.87
C GLU B 107 17.70 8.11 4.40
N MET B 108 17.65 7.13 3.49
CA MET B 108 17.65 7.44 2.07
C MET B 108 16.45 8.26 1.67
N GLY B 109 15.27 7.88 2.14
CA GLY B 109 14.07 8.60 1.74
C GLY B 109 13.95 9.95 2.41
N ILE B 110 14.46 10.10 3.63
CA ILE B 110 14.48 11.41 4.27
C ILE B 110 15.33 12.36 3.45
N VAL B 111 16.51 11.89 3.03
CA VAL B 111 17.42 12.71 2.24
C VAL B 111 16.72 13.22 0.98
N GLN B 112 16.08 12.32 0.23
CA GLN B 112 15.36 12.75 -0.96
C GLN B 112 14.25 13.75 -0.62
N ALA B 113 13.62 13.59 0.55
CA ALA B 113 12.56 14.50 0.95
C ALA B 113 13.11 15.91 1.22
N GLU B 114 14.22 16.00 1.95
CA GLU B 114 14.81 17.32 2.20
C GLU B 114 15.22 18.00 0.90
N GLU B 115 15.75 17.21 -0.04
CA GLU B 115 16.12 17.75 -1.34
C GLU B 115 14.90 18.35 -2.06
N ALA B 116 13.76 17.65 -2.05
CA ALA B 116 12.58 18.16 -2.74
C ALA B 116 11.93 19.34 -2.02
N ALA B 117 12.29 19.60 -0.77
CA ALA B 117 11.71 20.73 -0.08
C ALA B 117 12.37 22.05 -0.48
N SER B 118 13.48 22.01 -1.21
CA SER B 118 14.06 23.24 -1.74
C SER B 118 13.48 23.61 -3.09
N MET B 119 12.96 22.63 -3.83
CA MET B 119 12.50 22.85 -5.19
C MET B 119 11.10 23.43 -5.21
N SER B 120 10.75 23.98 -6.37
CA SER B 120 9.36 24.28 -6.66
C SER B 120 8.59 22.99 -6.82
N VAL B 121 7.26 23.09 -6.67
CA VAL B 121 6.45 21.88 -6.79
C VAL B 121 6.57 21.33 -8.20
N GLU B 122 6.80 22.18 -9.19
CA GLU B 122 7.07 21.70 -10.54
C GLU B 122 8.37 20.90 -10.59
N GLU B 123 9.45 21.50 -10.09
CA GLU B 123 10.73 20.81 -10.03
C GLU B 123 10.60 19.40 -9.47
N ARG B 124 9.94 19.25 -8.32
CA ARG B 124 9.91 17.93 -7.68
C ARG B 124 8.93 16.98 -8.35
N LYS B 125 7.86 17.49 -8.96
CA LYS B 125 6.94 16.60 -9.67
C LYS B 125 7.65 15.94 -10.86
N ALA B 126 8.43 16.70 -11.62
CA ALA B 126 9.25 16.13 -12.70
C ALA B 126 10.24 15.08 -12.17
N LYS B 127 11.25 15.55 -11.41
CA LYS B 127 12.31 14.69 -10.94
C LYS B 127 11.78 13.45 -10.20
N PHE B 128 11.00 13.65 -9.13
CA PHE B 128 10.77 12.58 -8.17
C PHE B 128 9.58 11.66 -8.46
N THR B 129 8.60 12.05 -9.28
CA THR B 129 7.48 11.14 -9.53
C THR B 129 7.97 9.85 -10.18
N PHE B 130 7.20 8.79 -10.00
CA PHE B 130 7.52 7.51 -10.61
C PHE B 130 7.02 7.50 -12.06
N LEU B 131 7.88 7.04 -12.97
CA LEU B 131 7.38 6.52 -14.23
C LEU B 131 6.73 5.17 -13.97
N TYR B 132 5.48 5.02 -14.43
CA TYR B 132 4.75 3.78 -14.21
C TYR B 132 4.63 3.02 -15.51
#